data_1S28
#
_entry.id   1S28
#
_cell.length_a   93.053
_cell.length_b   94.920
_cell.length_c   104.350
_cell.angle_alpha   90.00
_cell.angle_beta   90.00
_cell.angle_gamma   90.00
#
_symmetry.space_group_name_H-M   'P 21 21 21'
#
loop_
_entity.id
_entity.type
_entity.pdbx_description
1 polymer ORF1
2 non-polymer 'SULFATE ION'
#
_entity_poly.entity_id   1
_entity_poly.type   'polypeptide(L)'
_entity_poly.pdbx_seq_one_letter_code
;GA(MSE)KNSFDRLIDGLAKDYG(MSE)PGFPEKKHEHEVYCFEFKEVSIRIYQDKFKWVYFLSDIGVIDNLDSNACQSL
LRLNEFNLRTPFFTVGLNEKKDGVVHTRIPLLNLDNVE(MSE)RRVFEALLNLSGEVKKTFGFV
;
_entity_poly.pdbx_strand_id   A,B,C,D
#
loop_
_chem_comp.id
_chem_comp.type
_chem_comp.name
_chem_comp.formula
SO4 non-polymer 'SULFATE ION' 'O4 S -2'
#
# COMPACT_ATOMS: atom_id res chain seq x y z
N GLY A 1 10.69 1.69 -3.37
CA GLY A 1 11.37 0.31 -3.67
C GLY A 1 10.80 -0.45 -4.88
N ALA A 2 9.52 -0.85 -4.78
CA ALA A 2 8.81 -1.49 -5.87
C ALA A 2 8.35 -0.30 -6.70
N MSE A 3 8.08 0.80 -6.01
CA MSE A 3 7.65 2.04 -6.62
C MSE A 3 8.81 2.59 -7.43
O MSE A 3 8.61 3.20 -8.48
CB MSE A 3 7.27 3.07 -5.56
CG MSE A 3 5.96 2.80 -4.84
SE MSE A 3 5.78 3.96 -3.32
CE MSE A 3 6.54 2.79 -2.00
N LYS A 4 10.03 2.41 -6.93
CA LYS A 4 11.18 2.90 -7.66
C LYS A 4 11.24 2.17 -8.99
N ASN A 5 11.33 0.86 -8.95
CA ASN A 5 11.39 0.10 -10.18
C ASN A 5 10.25 0.44 -11.10
N SER A 6 9.08 0.70 -10.53
CA SER A 6 7.94 1.01 -11.36
C SER A 6 8.18 2.30 -12.10
N PHE A 7 8.49 3.35 -11.33
CA PHE A 7 8.74 4.65 -11.92
C PHE A 7 9.82 4.56 -12.98
N ASP A 8 10.84 3.73 -12.74
CA ASP A 8 11.89 3.58 -13.72
C ASP A 8 11.33 3.02 -15.04
N ARG A 9 10.61 1.91 -14.99
CA ARG A 9 10.05 1.35 -16.21
C ARG A 9 9.28 2.42 -16.95
N LEU A 10 8.53 3.25 -16.24
CA LEU A 10 7.78 4.32 -16.90
C LEU A 10 8.78 5.07 -17.73
N ILE A 11 9.67 5.80 -17.06
CA ILE A 11 10.71 6.58 -17.73
C ILE A 11 11.42 5.82 -18.85
N ASP A 12 12.07 4.72 -18.51
CA ASP A 12 12.76 3.89 -19.49
C ASP A 12 11.88 3.79 -20.75
N GLY A 13 10.62 3.42 -20.55
CA GLY A 13 9.70 3.28 -21.66
C GLY A 13 9.51 4.54 -22.47
N LEU A 14 9.30 5.68 -21.81
CA LEU A 14 9.09 6.92 -22.56
C LEU A 14 10.35 7.34 -23.32
N ALA A 15 11.51 7.01 -22.76
CA ALA A 15 12.76 7.33 -23.40
C ALA A 15 12.81 6.62 -24.75
N LYS A 16 12.51 5.33 -24.76
CA LYS A 16 12.53 4.54 -25.99
C LYS A 16 11.56 5.03 -27.05
N ASP A 17 10.48 5.69 -26.65
CA ASP A 17 9.51 6.12 -27.64
C ASP A 17 9.45 7.62 -27.88
N TYR A 18 10.26 8.38 -27.13
CA TYR A 18 10.30 9.84 -27.29
C TYR A 18 11.73 10.33 -27.11
N GLY A 19 12.68 9.40 -27.13
CA GLY A 19 14.07 9.78 -26.97
C GLY A 19 14.43 10.30 -25.59
N MSE A 20 15.70 10.62 -25.41
CA MSE A 20 16.20 11.10 -24.14
C MSE A 20 15.48 12.34 -23.61
O MSE A 20 15.18 13.27 -24.36
CB MSE A 20 17.69 11.39 -24.25
CG MSE A 20 18.42 11.25 -22.93
SE MSE A 20 17.95 9.60 -22.04
CE MSE A 20 19.27 8.44 -22.82
N PRO A 21 15.17 12.35 -22.31
CA PRO A 21 14.49 13.47 -21.68
C PRO A 21 15.47 14.57 -21.28
N GLY A 22 14.94 15.71 -20.88
CA GLY A 22 15.79 16.80 -20.44
C GLY A 22 15.74 16.84 -18.93
N PHE A 23 16.75 17.41 -18.28
CA PHE A 23 16.74 17.42 -16.82
C PHE A 23 16.78 18.81 -16.20
N PRO A 24 15.63 19.50 -16.14
CA PRO A 24 15.53 20.86 -15.57
C PRO A 24 16.06 20.91 -14.13
N GLU A 25 16.21 22.12 -13.59
CA GLU A 25 16.74 22.29 -12.24
C GLU A 25 15.63 22.17 -11.20
N LYS A 26 15.99 21.82 -9.97
CA LYS A 26 15.00 21.71 -8.90
C LYS A 26 14.28 23.03 -8.76
N LYS A 27 13.10 23.14 -9.36
CA LYS A 27 12.31 24.37 -9.29
C LYS A 27 11.46 24.42 -8.02
N HIS A 28 10.50 23.50 -7.95
CA HIS A 28 9.58 23.40 -6.83
C HIS A 28 10.24 22.78 -5.60
N GLU A 29 9.63 22.98 -4.43
CA GLU A 29 10.16 22.41 -3.20
C GLU A 29 9.64 20.99 -3.09
N HIS A 30 10.40 20.12 -2.44
CA HIS A 30 10.02 18.71 -2.27
C HIS A 30 10.29 17.92 -3.54
N GLU A 31 10.67 18.61 -4.60
CA GLU A 31 10.95 17.99 -5.89
C GLU A 31 12.19 17.12 -5.75
N VAL A 32 12.24 15.99 -6.43
CA VAL A 32 13.43 15.16 -6.34
C VAL A 32 13.86 14.69 -7.71
N TYR A 33 12.91 14.62 -8.64
CA TYR A 33 13.20 14.19 -10.00
C TYR A 33 12.38 14.99 -10.96
N CYS A 34 12.93 15.25 -12.13
CA CYS A 34 12.19 15.96 -13.16
C CYS A 34 12.73 15.54 -14.50
N PHE A 35 11.86 15.06 -15.37
CA PHE A 35 12.26 14.63 -16.69
C PHE A 35 11.43 15.41 -17.66
N GLU A 36 12.07 16.00 -18.65
CA GLU A 36 11.35 16.77 -19.63
C GLU A 36 11.41 16.13 -21.00
N PHE A 37 10.25 15.80 -21.53
CA PHE A 37 10.16 15.22 -22.85
C PHE A 37 9.66 16.36 -23.70
N LYS A 38 10.62 17.15 -24.20
CA LYS A 38 10.33 18.34 -25.01
C LYS A 38 9.53 18.10 -26.28
N GLU A 39 9.71 16.94 -26.91
CA GLU A 39 8.96 16.62 -28.12
C GLU A 39 7.46 16.81 -27.87
N VAL A 40 7.00 16.31 -26.73
CA VAL A 40 5.59 16.39 -26.38
C VAL A 40 5.23 17.39 -25.29
N SER A 41 6.12 18.32 -25.00
CA SER A 41 5.89 19.37 -24.01
C SER A 41 5.34 18.90 -22.65
N ILE A 42 5.80 17.74 -22.20
CA ILE A 42 5.35 17.19 -20.92
C ILE A 42 6.52 16.97 -19.97
N ARG A 43 6.31 17.33 -18.71
CA ARG A 43 7.33 17.14 -17.70
C ARG A 43 6.79 16.20 -16.62
N ILE A 44 7.65 15.32 -16.12
CA ILE A 44 7.27 14.35 -15.10
C ILE A 44 8.06 14.67 -13.85
N TYR A 45 7.39 14.98 -12.74
CA TYR A 45 8.12 15.27 -11.50
C TYR A 45 7.85 14.17 -10.48
N GLN A 46 8.72 14.04 -9.48
CA GLN A 46 8.47 13.08 -8.43
C GLN A 46 8.67 13.75 -7.08
N ASP A 47 7.58 13.80 -6.34
CA ASP A 47 7.47 14.37 -5.01
C ASP A 47 8.47 13.70 -4.08
N LYS A 48 8.66 14.26 -2.90
CA LYS A 48 9.57 13.67 -1.93
C LYS A 48 8.73 12.66 -1.13
N PHE A 49 7.41 12.77 -1.26
CA PHE A 49 6.50 11.89 -0.55
C PHE A 49 5.91 10.83 -1.49
N LYS A 50 6.65 10.55 -2.55
CA LYS A 50 6.28 9.54 -3.52
C LYS A 50 5.05 9.80 -4.39
N TRP A 51 4.93 10.99 -4.95
CA TRP A 51 3.82 11.26 -5.85
C TRP A 51 4.45 11.62 -7.17
N VAL A 52 3.91 11.11 -8.26
CA VAL A 52 4.45 11.40 -9.56
C VAL A 52 3.54 12.47 -10.15
N TYR A 53 4.10 13.41 -10.90
CA TYR A 53 3.30 14.48 -11.50
C TYR A 53 3.52 14.56 -12.99
N PHE A 54 2.50 14.98 -13.71
CA PHE A 54 2.61 15.14 -15.16
C PHE A 54 2.19 16.54 -15.50
N LEU A 55 3.11 17.32 -16.05
CA LEU A 55 2.80 18.68 -16.42
C LEU A 55 2.96 18.85 -17.91
N SER A 56 1.92 19.38 -18.55
CA SER A 56 1.93 19.59 -19.98
C SER A 56 1.73 21.07 -20.31
N ASP A 57 2.48 21.56 -21.29
CA ASP A 57 2.36 22.97 -21.70
C ASP A 57 1.65 23.08 -23.05
N ILE A 58 0.40 23.57 -23.03
CA ILE A 58 -0.40 23.72 -24.25
C ILE A 58 0.17 24.85 -25.09
N GLY A 59 0.80 25.81 -24.44
CA GLY A 59 1.40 26.91 -25.15
C GLY A 59 0.63 28.20 -24.90
N VAL A 60 0.75 29.14 -25.84
CA VAL A 60 0.07 30.42 -25.68
C VAL A 60 -1.26 30.48 -26.40
N ILE A 61 -2.10 31.40 -25.94
CA ILE A 61 -3.42 31.62 -26.50
C ILE A 61 -3.71 33.11 -26.42
N ASP A 62 -4.00 33.72 -27.56
CA ASP A 62 -4.28 35.15 -27.61
C ASP A 62 -5.78 35.43 -27.66
N ASN A 63 -6.17 36.64 -27.28
CA ASN A 63 -7.57 37.05 -27.26
C ASN A 63 -8.42 36.01 -26.55
N LEU A 64 -9.67 35.91 -26.97
CA LEU A 64 -10.62 34.94 -26.43
C LEU A 64 -10.89 35.00 -24.93
N ASP A 65 -10.05 35.69 -24.17
CA ASP A 65 -10.23 35.77 -22.72
C ASP A 65 -11.67 35.57 -22.27
N SER A 66 -12.44 36.65 -22.12
CA SER A 66 -13.83 36.51 -21.70
C SER A 66 -14.55 35.50 -22.60
N ASN A 67 -14.24 35.58 -23.90
CA ASN A 67 -14.81 34.72 -24.93
C ASN A 67 -15.02 33.28 -24.46
N ALA A 68 -13.96 32.48 -24.44
CA ALA A 68 -14.05 31.08 -24.04
C ALA A 68 -13.43 30.72 -22.69
N CYS A 69 -12.83 31.70 -22.01
CA CYS A 69 -12.21 31.45 -20.71
C CYS A 69 -13.08 30.48 -19.93
N GLN A 70 -14.38 30.76 -19.88
CA GLN A 70 -15.31 29.89 -19.17
C GLN A 70 -15.29 28.46 -19.68
N SER A 71 -15.57 28.28 -20.97
CA SER A 71 -15.59 26.95 -21.56
C SER A 71 -14.32 26.18 -21.24
N LEU A 72 -13.26 26.93 -20.97
CA LEU A 72 -11.96 26.36 -20.62
C LEU A 72 -12.03 25.91 -19.18
N LEU A 73 -12.20 26.89 -18.29
CA LEU A 73 -12.32 26.67 -16.85
C LEU A 73 -13.57 25.83 -16.56
N ARG A 74 -14.23 25.40 -17.62
CA ARG A 74 -15.42 24.58 -17.52
C ARG A 74 -15.01 23.13 -17.66
N LEU A 75 -13.75 22.93 -18.07
CA LEU A 75 -13.20 21.59 -18.25
C LEU A 75 -12.86 20.99 -16.88
N ASN A 76 -12.86 21.83 -15.86
CA ASN A 76 -12.57 21.39 -14.51
C ASN A 76 -13.82 20.92 -13.76
N GLU A 77 -14.93 20.76 -14.46
CA GLU A 77 -16.15 20.31 -13.80
C GLU A 77 -15.83 19.02 -13.05
N PHE A 78 -16.47 18.84 -11.91
CA PHE A 78 -16.27 17.65 -11.09
C PHE A 78 -16.82 16.39 -11.73
N ASN A 79 -16.23 15.25 -11.37
CA ASN A 79 -16.66 13.93 -11.85
C ASN A 79 -15.76 12.92 -11.16
N LEU A 80 -16.19 11.67 -11.09
CA LEU A 80 -15.41 10.62 -10.43
C LEU A 80 -14.44 9.86 -11.31
N ARG A 81 -13.70 10.57 -12.15
CA ARG A 81 -12.76 9.90 -13.03
C ARG A 81 -11.36 9.81 -12.41
N THR A 82 -10.72 8.67 -12.63
CA THR A 82 -9.37 8.41 -12.13
C THR A 82 -8.48 9.47 -12.77
N PRO A 83 -7.24 9.64 -12.29
CA PRO A 83 -6.38 10.66 -12.88
C PRO A 83 -7.13 11.80 -13.56
N PHE A 84 -7.51 12.78 -12.76
CA PHE A 84 -8.24 13.95 -13.25
C PHE A 84 -7.24 14.96 -13.78
N PHE A 85 -7.49 15.46 -14.98
CA PHE A 85 -6.60 16.45 -15.58
C PHE A 85 -7.09 17.87 -15.34
N THR A 86 -6.35 18.60 -14.52
CA THR A 86 -6.71 19.97 -14.22
C THR A 86 -6.19 20.90 -15.29
N VAL A 87 -7.05 21.78 -15.77
CA VAL A 87 -6.66 22.75 -16.79
C VAL A 87 -6.53 24.10 -16.12
N GLY A 88 -5.38 24.74 -16.27
CA GLY A 88 -5.17 26.03 -15.65
C GLY A 88 -4.34 26.97 -16.50
N LEU A 89 -3.96 28.10 -15.91
CA LEU A 89 -3.17 29.12 -16.60
C LEU A 89 -1.82 29.40 -15.95
N ASN A 90 -0.78 29.32 -16.76
CA ASN A 90 0.60 29.54 -16.32
C ASN A 90 0.77 30.86 -15.58
N GLU A 91 1.99 31.14 -15.15
CA GLU A 91 2.28 32.38 -14.43
C GLU A 91 2.44 33.51 -15.43
N LYS A 92 2.04 33.25 -16.67
CA LYS A 92 2.13 34.23 -17.75
C LYS A 92 1.03 33.93 -18.77
N LYS A 93 -0.17 33.69 -18.26
CA LYS A 93 -1.33 33.39 -19.09
C LYS A 93 -1.07 32.35 -20.18
N ASP A 94 -0.36 31.28 -19.83
CA ASP A 94 -0.06 30.22 -20.80
C ASP A 94 -0.75 28.90 -20.48
N GLY A 95 -1.28 28.26 -21.51
CA GLY A 95 -1.95 26.99 -21.33
C GLY A 95 -1.15 25.99 -20.54
N VAL A 96 -1.82 25.31 -19.61
CA VAL A 96 -1.15 24.32 -18.77
C VAL A 96 -2.16 23.25 -18.32
N VAL A 97 -1.77 21.98 -18.41
CA VAL A 97 -2.63 20.86 -18.04
C VAL A 97 -1.83 19.77 -17.30
N HIS A 98 -2.20 19.53 -16.05
CA HIS A 98 -1.47 18.56 -15.23
C HIS A 98 -2.32 17.60 -14.39
N THR A 99 -1.64 16.65 -13.77
CA THR A 99 -2.27 15.67 -12.88
C THR A 99 -1.20 15.21 -11.91
N ARG A 100 -1.63 14.48 -10.90
CA ARG A 100 -0.73 13.94 -9.91
C ARG A 100 -1.33 12.61 -9.46
N ILE A 101 -0.48 11.67 -9.08
CA ILE A 101 -0.97 10.37 -8.65
C ILE A 101 0.05 9.75 -7.72
N PRO A 102 -0.41 9.18 -6.60
CA PRO A 102 0.55 8.57 -5.69
C PRO A 102 1.19 7.39 -6.40
N LEU A 103 2.41 7.05 -6.03
CA LEU A 103 3.12 5.94 -6.66
C LEU A 103 2.78 4.60 -6.01
N LEU A 104 2.37 4.61 -4.75
CA LEU A 104 2.05 3.38 -4.02
C LEU A 104 1.02 2.55 -4.71
N ASN A 105 1.46 1.37 -5.13
CA ASN A 105 0.60 0.41 -5.80
C ASN A 105 0.12 0.85 -7.15
N LEU A 106 0.94 1.58 -7.90
CA LEU A 106 0.58 2.04 -9.24
C LEU A 106 1.67 1.59 -10.21
N ASP A 107 1.34 0.73 -11.16
CA ASP A 107 2.33 0.20 -12.10
C ASP A 107 2.67 1.17 -13.23
N ASN A 108 3.79 0.93 -13.91
CA ASN A 108 4.20 1.80 -15.01
C ASN A 108 3.22 1.78 -16.15
N VAL A 109 2.54 0.65 -16.34
CA VAL A 109 1.57 0.55 -17.41
C VAL A 109 0.45 1.59 -17.27
N GLU A 110 -0.11 1.74 -16.06
CA GLU A 110 -1.17 2.72 -15.89
C GLU A 110 -0.58 4.12 -16.01
N MSE A 111 0.60 4.33 -15.44
CA MSE A 111 1.21 5.64 -15.53
C MSE A 111 1.37 6.04 -16.98
O MSE A 111 1.18 7.22 -17.33
CB MSE A 111 2.55 5.65 -14.81
CG MSE A 111 2.36 5.84 -13.32
SE MSE A 111 3.95 6.09 -12.24
CE MSE A 111 4.60 4.26 -12.21
N ARG A 112 1.69 5.08 -17.84
CA ARG A 112 1.81 5.39 -19.26
C ARG A 112 0.45 5.85 -19.78
N ARG A 113 -0.60 5.09 -19.50
CA ARG A 113 -1.91 5.49 -19.97
C ARG A 113 -2.15 6.93 -19.53
N VAL A 114 -1.98 7.19 -18.24
CA VAL A 114 -2.18 8.54 -17.72
C VAL A 114 -1.42 9.53 -18.58
N PHE A 115 -0.16 9.20 -18.85
CA PHE A 115 0.69 10.06 -19.67
C PHE A 115 0.05 10.28 -21.02
N GLU A 116 -0.12 9.19 -21.76
CA GLU A 116 -0.74 9.23 -23.08
C GLU A 116 -2.03 10.02 -23.03
N ALA A 117 -2.91 9.64 -22.10
CA ALA A 117 -4.17 10.32 -21.94
C ALA A 117 -3.94 11.81 -21.86
N LEU A 118 -2.95 12.21 -21.07
CA LEU A 118 -2.63 13.62 -20.91
C LEU A 118 -2.22 14.25 -22.23
N LEU A 119 -1.45 13.52 -23.04
CA LEU A 119 -1.02 14.03 -24.34
C LEU A 119 -2.25 14.37 -25.15
N ASN A 120 -3.05 13.35 -25.46
CA ASN A 120 -4.27 13.51 -26.25
C ASN A 120 -5.10 14.68 -25.77
N LEU A 121 -5.32 14.78 -24.46
CA LEU A 121 -6.12 15.87 -23.94
C LEU A 121 -5.48 17.21 -24.28
N SER A 122 -4.16 17.30 -24.21
CA SER A 122 -3.48 18.55 -24.53
C SER A 122 -3.73 18.84 -26.00
N GLY A 123 -3.78 17.76 -26.78
CA GLY A 123 -4.04 17.91 -28.20
C GLY A 123 -5.38 18.58 -28.34
N GLU A 124 -6.44 17.86 -28.00
CA GLU A 124 -7.81 18.38 -28.09
C GLU A 124 -7.97 19.81 -27.59
N VAL A 125 -7.38 20.11 -26.45
CA VAL A 125 -7.47 21.45 -25.86
C VAL A 125 -6.73 22.49 -26.69
N LYS A 126 -5.60 22.07 -27.27
CA LYS A 126 -4.78 22.97 -28.08
C LYS A 126 -5.54 23.35 -29.35
N LYS A 127 -6.13 22.35 -30.01
CA LYS A 127 -6.89 22.60 -31.23
C LYS A 127 -8.32 23.00 -30.95
N THR A 128 -8.50 24.05 -30.16
CA THR A 128 -9.84 24.54 -29.83
C THR A 128 -9.72 25.96 -29.33
N PHE A 129 -8.80 26.19 -28.41
CA PHE A 129 -8.58 27.52 -27.87
C PHE A 129 -7.27 28.00 -28.47
N GLY A 130 -6.79 27.27 -29.48
CA GLY A 130 -5.55 27.61 -30.14
C GLY A 130 -4.35 27.62 -29.20
N GLY B 1 -10.55 -2.33 3.73
CA GLY B 1 -10.43 -2.98 5.14
C GLY B 1 -9.91 -2.04 6.24
N ALA B 2 -8.64 -1.65 6.14
CA ALA B 2 -8.05 -0.71 7.07
C ALA B 2 -8.52 0.63 6.54
N MSE B 3 -8.67 0.68 5.21
CA MSE B 3 -9.16 1.88 4.52
C MSE B 3 -10.62 2.09 4.90
O MSE B 3 -11.08 3.22 5.01
CB MSE B 3 -9.06 1.70 3.01
CG MSE B 3 -7.68 1.58 2.49
SE MSE B 3 -7.66 1.27 0.63
CE MSE B 3 -7.25 -0.59 0.66
N LYS B 4 -11.37 1.01 5.11
CA LYS B 4 -12.75 1.18 5.49
C LYS B 4 -12.80 1.87 6.85
N ASN B 5 -12.17 1.26 7.85
CA ASN B 5 -12.17 1.84 9.17
C ASN B 5 -11.67 3.28 9.14
N SER B 6 -10.71 3.55 8.26
CA SER B 6 -10.16 4.89 8.20
C SER B 6 -11.24 5.84 7.70
N PHE B 7 -11.83 5.52 6.56
CA PHE B 7 -12.86 6.36 5.99
C PHE B 7 -13.98 6.57 7.00
N ASP B 8 -14.29 5.53 7.77
CA ASP B 8 -15.33 5.67 8.77
C ASP B 8 -14.96 6.75 9.78
N ARG B 9 -13.81 6.62 10.44
CA ARG B 9 -13.39 7.65 11.41
C ARG B 9 -13.51 9.03 10.81
N LEU B 10 -13.14 9.19 9.54
CA LEU B 10 -13.26 10.50 8.92
C LEU B 10 -14.71 10.93 9.10
N ILE B 11 -15.62 10.22 8.44
CA ILE B 11 -17.06 10.52 8.51
C ILE B 11 -17.56 10.70 9.94
N ASP B 12 -17.37 9.68 10.76
CA ASP B 12 -17.80 9.74 12.14
C ASP B 12 -17.40 11.08 12.72
N GLY B 13 -16.15 11.45 12.52
CA GLY B 13 -15.65 12.72 13.04
C GLY B 13 -16.37 13.95 12.48
N LEU B 14 -16.60 14.00 11.17
CA LEU B 14 -17.27 15.17 10.62
C LEU B 14 -18.71 15.26 11.11
N ALA B 15 -19.30 14.10 11.38
CA ALA B 15 -20.68 14.08 11.87
C ALA B 15 -20.74 14.78 13.21
N LYS B 16 -19.82 14.42 14.10
CA LYS B 16 -19.77 15.03 15.42
C LYS B 16 -19.54 16.53 15.41
N ASP B 17 -18.90 17.06 14.38
CA ASP B 17 -18.61 18.47 14.34
C ASP B 17 -19.42 19.27 13.34
N TYR B 18 -20.23 18.58 12.53
CA TYR B 18 -21.05 19.27 11.54
C TYR B 18 -22.41 18.58 11.44
N GLY B 19 -22.72 17.75 12.43
CA GLY B 19 -23.99 17.06 12.45
C GLY B 19 -24.19 16.06 11.34
N MSE B 20 -25.34 15.40 11.36
CA MSE B 20 -25.70 14.37 10.39
C MSE B 20 -25.56 14.83 8.94
O MSE B 20 -25.99 15.92 8.58
CB MSE B 20 -27.12 13.94 10.65
CG MSE B 20 -27.72 13.04 9.62
SE MSE B 20 -27.96 11.33 10.38
CE MSE B 20 -28.05 11.76 12.25
N PRO B 21 -24.98 13.98 8.10
CA PRO B 21 -24.80 14.30 6.68
C PRO B 21 -26.04 13.92 5.88
N GLY B 22 -26.09 14.37 4.63
CA GLY B 22 -27.23 14.04 3.77
C GLY B 22 -26.78 12.93 2.84
N PHE B 23 -27.70 12.15 2.31
CA PHE B 23 -27.29 11.07 1.42
C PHE B 23 -27.87 11.13 0.01
N PRO B 24 -27.29 11.96 -0.87
CA PRO B 24 -27.75 12.11 -2.25
C PRO B 24 -27.83 10.76 -2.96
N GLU B 25 -28.40 10.75 -4.16
CA GLU B 25 -28.53 9.51 -4.94
C GLU B 25 -27.29 9.25 -5.80
N LYS B 26 -27.05 7.99 -6.13
CA LYS B 26 -25.90 7.65 -6.97
C LYS B 26 -25.96 8.46 -8.26
N LYS B 27 -25.22 9.57 -8.31
CA LYS B 27 -25.20 10.41 -9.49
C LYS B 27 -24.19 9.91 -10.52
N HIS B 28 -22.91 9.98 -10.16
CA HIS B 28 -21.82 9.56 -11.02
C HIS B 28 -21.68 8.04 -11.08
N GLU B 29 -20.98 7.53 -12.09
CA GLU B 29 -20.76 6.10 -12.20
C GLU B 29 -19.58 5.73 -11.33
N HIS B 30 -19.56 4.49 -10.86
CA HIS B 30 -18.47 4.01 -10.00
C HIS B 30 -18.62 4.52 -8.58
N GLU B 31 -19.59 5.39 -8.37
CA GLU B 31 -19.88 5.97 -7.07
C GLU B 31 -20.40 4.88 -6.16
N VAL B 32 -20.04 4.92 -4.87
CA VAL B 32 -20.57 3.91 -3.96
C VAL B 32 -21.03 4.56 -2.68
N TYR B 33 -20.44 5.69 -2.33
CA TYR B 33 -20.83 6.42 -1.13
C TYR B 33 -20.89 7.90 -1.43
N CYS B 34 -21.78 8.61 -0.75
CA CYS B 34 -21.84 10.05 -0.91
C CYS B 34 -22.45 10.61 0.35
N PHE B 35 -21.72 11.51 1.00
CA PHE B 35 -22.18 12.13 2.22
C PHE B 35 -22.19 13.61 1.98
N GLU B 36 -23.29 14.27 2.30
CA GLU B 36 -23.38 15.70 2.08
C GLU B 36 -23.47 16.46 3.38
N PHE B 37 -22.49 17.32 3.61
CA PHE B 37 -22.49 18.14 4.80
C PHE B 37 -22.92 19.52 4.31
N LYS B 38 -24.24 19.71 4.25
CA LYS B 38 -24.85 20.94 3.76
C LYS B 38 -24.42 22.22 4.47
N GLU B 39 -24.14 22.13 5.77
CA GLU B 39 -23.72 23.31 6.51
C GLU B 39 -22.53 23.97 5.83
N VAL B 40 -21.57 23.15 5.41
CA VAL B 40 -20.37 23.64 4.75
C VAL B 40 -20.28 23.40 3.24
N SER B 41 -21.43 23.09 2.63
CA SER B 41 -21.50 22.88 1.18
C SER B 41 -20.47 21.94 0.59
N ILE B 42 -20.10 20.90 1.32
CA ILE B 42 -19.11 19.94 0.85
C ILE B 42 -19.67 18.54 0.78
N ARG B 43 -19.35 17.83 -0.29
CA ARG B 43 -19.79 16.46 -0.48
C ARG B 43 -18.57 15.55 -0.54
N ILE B 44 -18.67 14.36 0.05
CA ILE B 44 -17.59 13.40 0.07
C ILE B 44 -18.02 12.15 -0.69
N TYR B 45 -17.34 11.80 -1.76
CA TYR B 45 -17.71 10.60 -2.50
C TYR B 45 -16.65 9.52 -2.32
N GLN B 46 -17.00 8.28 -2.59
CA GLN B 46 -16.01 7.21 -2.54
C GLN B 46 -16.14 6.35 -3.77
N ASP B 47 -15.08 6.38 -4.56
CA ASP B 47 -14.93 5.66 -5.81
C ASP B 47 -15.12 4.17 -5.57
N LYS B 48 -15.26 3.40 -6.64
CA LYS B 48 -15.41 1.96 -6.51
C LYS B 48 -14.01 1.38 -6.45
N PHE B 49 -13.03 2.20 -6.83
CA PHE B 49 -11.63 1.80 -6.85
C PHE B 49 -10.87 2.38 -5.67
N LYS B 50 -11.61 2.70 -4.61
CA LYS B 50 -11.05 3.20 -3.37
C LYS B 50 -10.43 4.59 -3.41
N TRP B 51 -11.12 5.55 -3.99
CA TRP B 51 -10.62 6.92 -4.00
C TRP B 51 -11.68 7.72 -3.30
N VAL B 52 -11.28 8.64 -2.43
CA VAL B 52 -12.23 9.47 -1.73
C VAL B 52 -12.21 10.81 -2.45
N TYR B 53 -13.36 11.48 -2.55
CA TYR B 53 -13.42 12.76 -3.24
C TYR B 53 -14.06 13.81 -2.35
N PHE B 54 -13.66 15.05 -2.55
CA PHE B 54 -14.22 16.15 -1.78
C PHE B 54 -14.68 17.20 -2.74
N LEU B 55 -15.99 17.43 -2.79
CA LEU B 55 -16.56 18.44 -3.68
C LEU B 55 -17.20 19.56 -2.87
N SER B 56 -16.79 20.78 -3.18
CA SER B 56 -17.30 21.97 -2.51
C SER B 56 -17.97 22.92 -3.49
N ASP B 57 -19.11 23.47 -3.09
CA ASP B 57 -19.84 24.40 -3.94
C ASP B 57 -19.72 25.84 -3.45
N ILE B 58 -18.98 26.64 -4.21
CA ILE B 58 -18.77 28.05 -3.89
C ILE B 58 -20.06 28.85 -4.11
N GLY B 59 -20.91 28.33 -4.99
CA GLY B 59 -22.17 29.01 -5.24
C GLY B 59 -22.29 29.75 -6.56
N VAL B 60 -23.14 30.77 -6.55
CA VAL B 60 -23.45 31.58 -7.73
C VAL B 60 -22.34 32.50 -8.27
N ILE B 61 -22.12 32.44 -9.57
CA ILE B 61 -21.15 33.34 -10.21
C ILE B 61 -22.13 34.44 -10.66
N ASP B 62 -22.12 35.57 -9.96
CA ASP B 62 -23.04 36.64 -10.32
C ASP B 62 -22.40 37.47 -11.42
N ASN B 63 -21.15 37.81 -11.19
CA ASN B 63 -20.41 38.61 -12.16
C ASN B 63 -19.14 37.89 -12.59
N LEU B 64 -18.91 37.81 -13.91
CA LEU B 64 -17.71 37.17 -14.47
C LEU B 64 -17.26 37.92 -15.72
N ASP B 65 -15.95 38.00 -15.93
CA ASP B 65 -15.43 38.72 -17.10
C ASP B 65 -14.28 37.99 -17.76
N SER B 66 -13.08 38.54 -17.62
CA SER B 66 -11.90 37.93 -18.21
C SER B 66 -10.63 38.31 -17.47
N ASN B 67 -10.76 39.19 -16.48
CA ASN B 67 -9.62 39.60 -15.67
C ASN B 67 -9.89 38.95 -14.34
N ALA B 68 -11.11 38.43 -14.22
CA ALA B 68 -11.55 37.73 -13.03
C ALA B 68 -11.45 36.26 -13.38
N CYS B 69 -12.16 35.86 -14.43
CA CYS B 69 -12.14 34.47 -14.89
C CYS B 69 -10.71 33.97 -14.93
N GLN B 70 -9.83 34.73 -15.56
CA GLN B 70 -8.43 34.34 -15.64
C GLN B 70 -7.83 34.15 -14.26
N SER B 71 -7.92 35.20 -13.44
CA SER B 71 -7.39 35.16 -12.08
C SER B 71 -7.88 33.93 -11.34
N LEU B 72 -9.06 33.47 -11.75
CA LEU B 72 -9.70 32.30 -11.16
C LEU B 72 -9.01 31.05 -11.71
N LEU B 73 -9.14 30.85 -13.01
CA LEU B 73 -8.54 29.72 -13.71
C LEU B 73 -7.01 29.79 -13.56
N ARG B 74 -6.56 30.80 -12.84
CA ARG B 74 -5.15 31.01 -12.60
C ARG B 74 -4.77 30.33 -11.30
N LEU B 75 -5.79 29.91 -10.55
CA LEU B 75 -5.60 29.22 -9.28
C LEU B 75 -5.19 27.78 -9.53
N ASN B 76 -5.31 27.35 -10.79
CA ASN B 76 -4.96 26.00 -11.17
C ASN B 76 -3.49 25.88 -11.62
N GLU B 77 -2.70 26.91 -11.36
CA GLU B 77 -1.31 26.86 -11.74
C GLU B 77 -0.68 25.62 -11.12
N PHE B 78 0.25 25.01 -11.84
CA PHE B 78 0.91 23.81 -11.37
C PHE B 78 1.85 24.07 -10.20
N ASN B 79 2.01 23.06 -9.35
CA ASN B 79 2.91 23.11 -8.19
C ASN B 79 2.91 21.72 -7.59
N LEU B 80 3.93 21.37 -6.82
CA LEU B 80 4.02 20.03 -6.23
C LEU B 80 3.39 19.90 -4.84
N ARG B 81 2.20 20.45 -4.67
CA ARG B 81 1.53 20.38 -3.38
C ARG B 81 0.62 19.16 -3.29
N THR B 82 0.60 18.55 -2.10
CA THR B 82 -0.22 17.39 -1.80
C THR B 82 -1.67 17.82 -1.98
N PRO B 83 -2.61 16.87 -2.04
CA PRO B 83 -4.00 17.28 -2.24
C PRO B 83 -4.16 18.63 -2.91
N PHE B 84 -4.13 18.61 -4.23
CA PHE B 84 -4.27 19.81 -5.03
C PHE B 84 -5.75 20.11 -5.20
N PHE B 85 -6.15 21.36 -4.95
CA PHE B 85 -7.54 21.74 -5.10
C PHE B 85 -7.80 22.39 -6.46
N THR B 86 -8.56 21.68 -7.28
CA THR B 86 -8.91 22.19 -8.60
C THR B 86 -10.10 23.10 -8.51
N VAL B 87 -10.01 24.25 -9.16
CA VAL B 87 -11.10 25.21 -9.18
C VAL B 87 -11.70 25.18 -10.56
N GLY B 88 -13.01 24.95 -10.64
CA GLY B 88 -13.66 24.90 -11.93
C GLY B 88 -15.06 25.48 -11.91
N LEU B 89 -15.79 25.28 -13.00
CA LEU B 89 -17.15 25.79 -13.12
C LEU B 89 -18.19 24.72 -13.36
N ASN B 90 -19.24 24.77 -12.53
CA ASN B 90 -20.36 23.84 -12.57
C ASN B 90 -20.96 23.71 -13.96
N GLU B 91 -21.97 22.86 -14.09
CA GLU B 91 -22.64 22.66 -15.37
C GLU B 91 -23.64 23.79 -15.59
N LYS B 92 -23.53 24.83 -14.77
CA LYS B 92 -24.41 25.99 -14.85
C LYS B 92 -23.65 27.20 -14.33
N LYS B 93 -22.42 27.35 -14.78
CA LYS B 93 -21.55 28.46 -14.39
C LYS B 93 -21.53 28.72 -12.89
N ASP B 94 -21.43 27.66 -12.09
CA ASP B 94 -21.40 27.84 -10.64
C ASP B 94 -20.07 27.43 -10.01
N GLY B 95 -19.60 28.23 -9.06
CA GLY B 95 -18.33 27.95 -8.39
C GLY B 95 -18.25 26.53 -7.88
N VAL B 96 -17.11 25.88 -8.10
CA VAL B 96 -16.91 24.51 -7.67
C VAL B 96 -15.42 24.26 -7.40
N VAL B 97 -15.10 23.64 -6.27
CA VAL B 97 -13.71 23.35 -5.88
C VAL B 97 -13.59 21.95 -5.27
N HIS B 98 -12.84 21.07 -5.92
CA HIS B 98 -12.70 19.70 -5.46
C HIS B 98 -11.28 19.12 -5.46
N THR B 99 -11.16 17.90 -4.94
CA THR B 99 -9.90 17.16 -4.86
C THR B 99 -10.25 15.70 -4.80
N ARG B 100 -9.25 14.85 -5.00
CA ARG B 100 -9.44 13.42 -4.92
C ARG B 100 -8.14 12.87 -4.34
N ILE B 101 -8.22 11.76 -3.63
CA ILE B 101 -7.04 11.18 -3.01
C ILE B 101 -7.28 9.71 -2.79
N PRO B 102 -6.33 8.86 -3.15
CA PRO B 102 -6.54 7.43 -2.94
C PRO B 102 -6.60 7.16 -1.44
N LEU B 103 -7.33 6.12 -1.07
CA LEU B 103 -7.51 5.77 0.32
C LEU B 103 -6.36 4.91 0.86
N LEU B 104 -5.67 4.17 -0.01
CA LEU B 104 -4.60 3.29 0.42
C LEU B 104 -3.52 4.03 1.19
N ASN B 105 -3.37 3.62 2.43
CA ASN B 105 -2.38 4.21 3.31
C ASN B 105 -2.59 5.67 3.64
N LEU B 106 -3.84 6.10 3.76
CA LEU B 106 -4.14 7.48 4.10
C LEU B 106 -5.06 7.47 5.32
N ASP B 107 -4.61 8.01 6.44
CA ASP B 107 -5.41 8.02 7.67
C ASP B 107 -6.50 9.08 7.66
N ASN B 108 -7.46 8.94 8.57
CA ASN B 108 -8.56 9.91 8.64
C ASN B 108 -8.07 11.27 9.07
N VAL B 109 -7.00 11.30 9.86
CA VAL B 109 -6.47 12.58 10.30
C VAL B 109 -6.04 13.47 9.11
N GLU B 110 -5.33 12.88 8.13
CA GLU B 110 -4.92 13.69 7.00
C GLU B 110 -6.14 14.05 6.19
N MSE B 111 -7.05 13.10 6.02
CA MSE B 111 -8.26 13.36 5.26
C MSE B 111 -9.00 14.55 5.86
O MSE B 111 -9.55 15.38 5.13
CB MSE B 111 -9.13 12.14 5.22
CG MSE B 111 -8.52 11.08 4.33
SE MSE B 111 -9.73 9.70 3.87
CE MSE B 111 -9.36 8.46 5.33
N ARG B 112 -9.01 14.64 7.18
CA ARG B 112 -9.65 15.78 7.80
C ARG B 112 -8.96 17.04 7.35
N ARG B 113 -7.64 17.10 7.52
CA ARG B 113 -6.92 18.30 7.10
C ARG B 113 -7.32 18.67 5.69
N VAL B 114 -7.24 17.70 4.77
CA VAL B 114 -7.62 17.96 3.39
C VAL B 114 -8.97 18.63 3.37
N PHE B 115 -9.92 18.04 4.10
CA PHE B 115 -11.27 18.56 4.17
C PHE B 115 -11.24 20.02 4.64
N GLU B 116 -10.76 20.22 5.86
CA GLU B 116 -10.66 21.54 6.43
C GLU B 116 -9.98 22.48 5.44
N ALA B 117 -8.83 22.07 4.92
CA ALA B 117 -8.11 22.89 3.96
C ALA B 117 -9.06 23.30 2.84
N LEU B 118 -9.84 22.34 2.35
CA LEU B 118 -10.78 22.61 1.28
C LEU B 118 -11.82 23.65 1.70
N LEU B 119 -12.28 23.57 2.95
CA LEU B 119 -13.25 24.52 3.45
C LEU B 119 -12.68 25.93 3.33
N ASN B 120 -11.59 26.17 4.07
CA ASN B 120 -10.90 27.45 4.06
C ASN B 120 -10.70 27.97 2.66
N LEU B 121 -10.20 27.14 1.76
CA LEU B 121 -9.98 27.59 0.40
C LEU B 121 -11.28 28.08 -0.22
N SER B 122 -12.36 27.35 -0.01
CA SER B 122 -13.66 27.75 -0.56
C SER B 122 -14.00 29.12 0.02
N GLY B 123 -13.63 29.32 1.28
CA GLY B 123 -13.90 30.58 1.92
C GLY B 123 -13.20 31.67 1.15
N GLU B 124 -11.87 31.65 1.18
CA GLU B 124 -11.06 32.64 0.48
C GLU B 124 -11.52 32.91 -0.96
N VAL B 125 -11.86 31.85 -1.68
CA VAL B 125 -12.29 32.00 -3.06
C VAL B 125 -13.66 32.65 -3.15
N LYS B 126 -14.50 32.33 -2.19
CA LYS B 126 -15.86 32.87 -2.15
C LYS B 126 -15.87 34.38 -1.92
N LYS B 127 -15.06 34.85 -0.97
CA LYS B 127 -14.98 36.27 -0.66
C LYS B 127 -14.01 37.03 -1.55
N THR B 128 -14.06 36.79 -2.85
CA THR B 128 -13.17 37.48 -3.78
C THR B 128 -13.81 37.48 -5.15
N PHE B 129 -14.40 36.36 -5.52
CA PHE B 129 -15.07 36.24 -6.81
C PHE B 129 -16.58 36.15 -6.58
N GLY B 130 -16.97 35.96 -5.32
CA GLY B 130 -18.37 35.84 -4.99
C GLY B 130 -18.86 34.41 -5.15
N GLY C 1 -3.32 -5.91 -9.43
CA GLY C 1 -3.00 -4.99 -10.66
C GLY C 1 -1.52 -4.73 -10.91
N ALA C 2 -0.87 -3.97 -10.02
CA ALA C 2 0.55 -3.71 -10.11
C ALA C 2 1.15 -4.96 -9.49
N MSE C 3 0.43 -5.53 -8.53
CA MSE C 3 0.84 -6.75 -7.86
C MSE C 3 0.78 -7.88 -8.85
O MSE C 3 1.59 -8.81 -8.81
CB MSE C 3 -0.08 -7.06 -6.68
CG MSE C 3 0.01 -6.07 -5.51
SE MSE C 3 -1.27 -6.38 -4.07
CE MSE C 3 -2.74 -5.37 -4.77
N LYS C 4 -0.19 -7.84 -9.76
CA LYS C 4 -0.29 -8.91 -10.75
C LYS C 4 0.96 -8.86 -11.61
N ASN C 5 1.20 -7.72 -12.27
CA ASN C 5 2.37 -7.59 -13.13
C ASN C 5 3.65 -7.98 -12.39
N SER C 6 3.70 -7.67 -11.11
CA SER C 6 4.89 -7.98 -10.33
C SER C 6 5.03 -9.48 -10.21
N PHE C 7 3.99 -10.14 -9.70
CA PHE C 7 4.02 -11.59 -9.56
C PHE C 7 4.37 -12.26 -10.89
N ASP C 8 3.88 -11.70 -11.99
CA ASP C 8 4.18 -12.26 -13.30
C ASP C 8 5.68 -12.20 -13.59
N ARG C 9 6.30 -11.03 -13.46
CA ARG C 9 7.74 -10.93 -13.70
C ARG C 9 8.47 -11.97 -12.86
N LEU C 10 8.02 -12.17 -11.62
CA LEU C 10 8.68 -13.17 -10.80
C LEU C 10 8.66 -14.46 -11.61
N ILE C 11 7.47 -15.02 -11.78
CA ILE C 11 7.29 -16.26 -12.53
C ILE C 11 8.06 -16.29 -13.83
N ASP C 12 7.74 -15.32 -14.70
CA ASP C 12 8.40 -15.23 -15.99
C ASP C 12 9.89 -15.45 -15.82
N GLY C 13 10.48 -14.72 -14.87
CA GLY C 13 11.89 -14.87 -14.61
C GLY C 13 12.33 -16.25 -14.17
N LEU C 14 11.59 -16.90 -13.27
CA LEU C 14 11.98 -18.23 -12.82
C LEU C 14 11.87 -19.24 -13.95
N ALA C 15 10.93 -19.00 -14.85
CA ALA C 15 10.74 -19.90 -15.98
C ALA C 15 12.01 -19.88 -16.81
N LYS C 16 12.49 -18.69 -17.11
CA LYS C 16 13.70 -18.55 -17.92
C LYS C 16 14.93 -19.18 -17.32
N ASP C 17 14.99 -19.32 -16.00
CA ASP C 17 16.18 -19.89 -15.39
C ASP C 17 15.99 -21.28 -14.81
N TYR C 18 14.76 -21.79 -14.84
CA TYR C 18 14.51 -23.11 -14.30
C TYR C 18 13.50 -23.85 -15.17
N GLY C 19 13.27 -23.31 -16.36
CA GLY C 19 12.34 -23.93 -17.27
C GLY C 19 10.88 -23.88 -16.83
N MSE C 20 10.01 -24.44 -17.65
CA MSE C 20 8.58 -24.47 -17.39
C MSE C 20 8.22 -25.08 -16.04
O MSE C 20 8.75 -26.12 -15.65
CB MSE C 20 7.89 -25.26 -18.48
CG MSE C 20 6.38 -25.32 -18.38
SE MSE C 20 5.56 -23.71 -18.96
CE MSE C 20 6.80 -23.18 -20.28
N PRO C 21 7.29 -24.46 -15.32
CA PRO C 21 6.85 -24.95 -14.01
C PRO C 21 5.74 -25.98 -14.18
N GLY C 22 5.40 -26.68 -13.11
CA GLY C 22 4.33 -27.65 -13.15
C GLY C 22 3.10 -27.03 -12.53
N PHE C 23 1.91 -27.50 -12.87
CA PHE C 23 0.72 -26.90 -12.30
C PHE C 23 -0.15 -27.85 -11.49
N PRO C 24 0.20 -28.08 -10.22
CA PRO C 24 -0.59 -28.97 -9.35
C PRO C 24 -2.05 -28.53 -9.23
N GLU C 25 -2.89 -29.36 -8.63
CA GLU C 25 -4.30 -29.06 -8.47
C GLU C 25 -4.58 -28.22 -7.22
N LYS C 26 -5.67 -27.46 -7.23
CA LYS C 26 -6.02 -26.64 -6.08
C LYS C 26 -6.10 -27.53 -4.85
N LYS C 27 -5.04 -27.56 -4.05
CA LYS C 27 -5.00 -28.38 -2.85
C LYS C 27 -5.62 -27.65 -1.66
N HIS C 28 -4.96 -26.58 -1.24
CA HIS C 28 -5.40 -25.77 -0.11
C HIS C 28 -6.58 -24.86 -0.49
N GLU C 29 -7.30 -24.37 0.53
CA GLU C 29 -8.43 -23.48 0.30
C GLU C 29 -7.89 -22.05 0.15
N HIS C 30 -8.60 -21.23 -0.61
CA HIS C 30 -8.18 -19.85 -0.86
C HIS C 30 -7.07 -19.79 -1.89
N GLU C 31 -6.57 -20.95 -2.30
CA GLU C 31 -5.51 -21.04 -3.28
C GLU C 31 -6.04 -20.58 -4.62
N VAL C 32 -5.22 -19.91 -5.42
CA VAL C 32 -5.68 -19.50 -6.72
C VAL C 32 -4.65 -19.83 -7.79
N TYR C 33 -3.38 -19.86 -7.37
CA TYR C 33 -2.29 -20.16 -8.28
C TYR C 33 -1.27 -21.06 -7.62
N CYS C 34 -0.68 -21.94 -8.39
CA CYS C 34 0.37 -22.79 -7.87
C CYS C 34 1.29 -23.16 -9.00
N PHE C 35 2.57 -22.85 -8.84
CA PHE C 35 3.55 -23.17 -9.85
C PHE C 35 4.58 -24.05 -9.16
N GLU C 36 4.93 -25.16 -9.79
CA GLU C 36 5.90 -26.05 -9.21
C GLU C 36 7.17 -26.10 -10.05
N PHE C 37 8.28 -25.74 -9.43
CA PHE C 37 9.55 -25.80 -10.11
C PHE C 37 10.24 -27.01 -9.53
N LYS C 38 9.95 -28.16 -10.13
CA LYS C 38 10.47 -29.46 -9.68
C LYS C 38 11.99 -29.59 -9.61
N GLU C 39 12.70 -28.89 -10.49
CA GLU C 39 14.16 -28.96 -10.47
C GLU C 39 14.69 -28.60 -9.08
N VAL C 40 14.09 -27.57 -8.49
CA VAL C 40 14.51 -27.09 -7.18
C VAL C 40 13.54 -27.39 -6.03
N SER C 41 12.60 -28.30 -6.26
CA SER C 41 11.62 -28.71 -5.24
C SER C 41 10.90 -27.59 -4.51
N ILE C 42 10.61 -26.50 -5.23
CA ILE C 42 9.92 -25.36 -4.63
C ILE C 42 8.59 -25.08 -5.32
N ARG C 43 7.57 -24.79 -4.53
CA ARG C 43 6.25 -24.46 -5.05
C ARG C 43 5.90 -23.03 -4.64
N ILE C 44 5.27 -22.29 -5.55
CA ILE C 44 4.88 -20.89 -5.30
C ILE C 44 3.36 -20.85 -5.32
N TYR C 45 2.72 -20.48 -4.22
CA TYR C 45 1.26 -20.38 -4.22
C TYR C 45 0.84 -18.92 -4.12
N GLN C 46 -0.39 -18.61 -4.51
CA GLN C 46 -0.89 -17.25 -4.38
C GLN C 46 -2.27 -17.29 -3.75
N ASP C 47 -2.33 -16.74 -2.54
CA ASP C 47 -3.52 -16.64 -1.71
C ASP C 47 -4.62 -15.91 -2.48
N LYS C 48 -5.83 -15.94 -1.95
CA LYS C 48 -6.95 -15.25 -2.59
C LYS C 48 -6.94 -13.82 -2.06
N PHE C 49 -6.18 -13.61 -0.99
CA PHE C 49 -6.07 -12.30 -0.36
C PHE C 49 -4.73 -11.65 -0.70
N LYS C 50 -4.16 -12.05 -1.83
CA LYS C 50 -2.90 -11.49 -2.33
C LYS C 50 -1.64 -11.74 -1.51
N TRP C 51 -1.39 -12.98 -1.15
CA TRP C 51 -0.19 -13.31 -0.41
C TRP C 51 0.47 -14.33 -1.30
N VAL C 52 1.79 -14.26 -1.41
CA VAL C 52 2.51 -15.22 -2.22
C VAL C 52 3.17 -16.16 -1.22
N TYR C 53 3.28 -17.44 -1.56
CA TYR C 53 3.90 -18.41 -0.66
C TYR C 53 5.00 -19.18 -1.36
N PHE C 54 6.01 -19.58 -0.60
CA PHE C 54 7.10 -20.37 -1.16
C PHE C 54 7.25 -21.62 -0.32
N LEU C 55 7.01 -22.77 -0.93
CA LEU C 55 7.13 -24.03 -0.23
C LEU C 55 8.23 -24.87 -0.83
N SER C 56 9.14 -25.33 0.02
CA SER C 56 10.27 -26.13 -0.42
C SER C 56 10.28 -27.47 0.29
N ASP C 57 10.58 -28.53 -0.45
CA ASP C 57 10.62 -29.86 0.13
C ASP C 57 12.04 -30.38 0.23
N ILE C 58 12.52 -30.47 1.47
CA ILE C 58 13.87 -30.96 1.74
C ILE C 58 13.92 -32.43 1.37
N GLY C 59 12.81 -33.12 1.62
CA GLY C 59 12.74 -34.53 1.29
C GLY C 59 12.41 -35.35 2.52
N VAL C 60 13.03 -36.52 2.65
CA VAL C 60 12.80 -37.40 3.78
C VAL C 60 14.05 -37.53 4.62
N ILE C 61 13.86 -38.00 5.86
CA ILE C 61 14.94 -38.22 6.80
C ILE C 61 14.58 -39.45 7.62
N ASP C 62 15.32 -40.54 7.40
CA ASP C 62 15.11 -41.82 8.06
C ASP C 62 15.71 -41.92 9.46
N ASN C 63 16.79 -41.18 9.70
CA ASN C 63 17.48 -41.22 10.99
C ASN C 63 17.39 -39.91 11.79
N LEU C 64 16.91 -40.01 13.03
CA LEU C 64 16.76 -38.86 13.91
C LEU C 64 16.65 -39.25 15.38
N ASP C 65 16.82 -38.26 16.26
CA ASP C 65 16.70 -38.49 17.70
C ASP C 65 15.93 -37.31 18.29
N SER C 66 15.96 -37.15 19.60
CA SER C 66 15.25 -36.04 20.22
C SER C 66 16.12 -34.80 20.26
N ASN C 67 17.41 -34.96 19.94
CA ASN C 67 18.33 -33.84 19.93
C ASN C 67 18.43 -33.27 18.51
N ALA C 68 18.56 -34.16 17.53
CA ALA C 68 18.64 -33.74 16.13
C ALA C 68 17.42 -32.85 15.93
N CYS C 69 16.27 -33.43 16.26
CA CYS C 69 15.00 -32.73 16.17
C CYS C 69 15.19 -31.30 16.67
N GLN C 70 15.50 -31.16 17.94
CA GLN C 70 15.68 -29.86 18.57
C GLN C 70 16.49 -28.90 17.69
N SER C 71 17.75 -29.24 17.43
CA SER C 71 18.61 -28.39 16.60
C SER C 71 17.89 -27.93 15.34
N LEU C 72 16.95 -28.75 14.90
CA LEU C 72 16.14 -28.47 13.71
C LEU C 72 15.10 -27.45 14.09
N LEU C 73 14.20 -27.85 14.98
CA LEU C 73 13.13 -27.00 15.50
C LEU C 73 13.74 -25.82 16.27
N ARG C 74 15.06 -25.73 16.23
CA ARG C 74 15.82 -24.69 16.90
C ARG C 74 16.10 -23.61 15.87
N LEU C 75 15.83 -23.95 14.60
CA LEU C 75 16.04 -23.02 13.49
C LEU C 75 14.90 -22.01 13.46
N ASN C 76 13.85 -22.29 14.22
CA ASN C 76 12.70 -21.42 14.28
C ASN C 76 12.83 -20.35 15.38
N GLU C 77 14.02 -20.21 15.96
CA GLU C 77 14.21 -19.22 16.99
C GLU C 77 13.77 -17.87 16.44
N PHE C 78 13.21 -17.03 17.31
CA PHE C 78 12.74 -15.72 16.92
C PHE C 78 13.86 -14.76 16.59
N ASN C 79 13.56 -13.79 15.72
CA ASN C 79 14.51 -12.75 15.30
C ASN C 79 13.74 -11.82 14.37
N LEU C 80 14.23 -10.61 14.19
CA LEU C 80 13.55 -9.63 13.34
C LEU C 80 13.98 -9.62 11.89
N ARG C 81 14.10 -10.80 11.29
CA ARG C 81 14.51 -10.86 9.89
C ARG C 81 13.32 -10.87 8.93
N THR C 82 13.47 -10.15 7.82
CA THR C 82 12.46 -10.04 6.77
C THR C 82 12.27 -11.45 6.20
N PRO C 83 11.11 -11.73 5.60
CA PRO C 83 10.92 -13.08 5.08
C PRO C 83 11.59 -14.15 5.93
N PHE C 84 10.87 -14.58 6.97
CA PHE C 84 11.34 -15.61 7.90
C PHE C 84 11.02 -16.98 7.35
N PHE C 85 12.00 -17.88 7.34
CA PHE C 85 11.78 -19.22 6.84
C PHE C 85 11.48 -20.20 7.93
N THR C 86 10.25 -20.67 7.96
CA THR C 86 9.83 -21.64 8.95
C THR C 86 10.21 -23.02 8.52
N VAL C 87 10.81 -23.77 9.44
CA VAL C 87 11.18 -25.14 9.15
C VAL C 87 10.27 -26.06 9.92
N GLY C 88 9.63 -26.97 9.21
CA GLY C 88 8.68 -27.88 9.85
C GLY C 88 8.72 -29.29 9.27
N LEU C 89 7.73 -30.09 9.66
CA LEU C 89 7.62 -31.47 9.20
C LEU C 89 6.34 -31.81 8.47
N ASN C 90 6.51 -32.37 7.28
CA ASN C 90 5.41 -32.77 6.41
C ASN C 90 4.36 -33.60 7.14
N GLU C 91 3.32 -33.99 6.41
CA GLU C 91 2.27 -34.81 6.99
C GLU C 91 2.72 -36.27 6.99
N LYS C 92 4.00 -36.47 6.75
CA LYS C 92 4.60 -37.80 6.71
C LYS C 92 6.07 -37.69 7.09
N LYS C 93 6.32 -36.93 8.15
CA LYS C 93 7.68 -36.71 8.66
C LYS C 93 8.69 -36.36 7.59
N ASP C 94 8.32 -35.49 6.66
CA ASP C 94 9.23 -35.07 5.59
C ASP C 94 9.67 -33.62 5.70
N GLY C 95 10.95 -33.38 5.48
CA GLY C 95 11.47 -32.03 5.55
C GLY C 95 10.66 -31.04 4.74
N VAL C 96 10.40 -29.87 5.30
CA VAL C 96 9.63 -28.84 4.63
C VAL C 96 10.04 -27.46 5.16
N VAL C 97 10.25 -26.51 4.24
CA VAL C 97 10.67 -25.14 4.60
C VAL C 97 9.93 -24.11 3.75
N HIS C 98 9.14 -23.25 4.40
CA HIS C 98 8.35 -22.27 3.67
C HIS C 98 8.33 -20.85 4.24
N THR C 99 7.72 -19.93 3.49
CA THR C 99 7.57 -18.55 3.91
C THR C 99 6.36 -18.01 3.21
N ARG C 100 5.94 -16.82 3.61
CA ARG C 100 4.78 -16.18 3.00
C ARG C 100 5.06 -14.68 3.08
N ILE C 101 4.56 -13.92 2.12
CA ILE C 101 4.77 -12.48 2.12
C ILE C 101 3.67 -11.83 1.34
N PRO C 102 3.10 -10.75 1.88
CA PRO C 102 2.03 -10.08 1.14
C PRO C 102 2.61 -9.49 -0.14
N LEU C 103 1.77 -9.40 -1.16
CA LEU C 103 2.18 -8.90 -2.45
C LEU C 103 2.14 -7.38 -2.54
N LEU C 104 1.33 -6.74 -1.69
CA LEU C 104 1.22 -5.28 -1.73
C LEU C 104 2.56 -4.59 -1.55
N ASN C 105 2.94 -3.83 -2.57
CA ASN C 105 4.19 -3.11 -2.58
C ASN C 105 5.45 -3.96 -2.48
N LEU C 106 5.44 -5.14 -3.09
CA LEU C 106 6.60 -6.02 -3.07
C LEU C 106 6.96 -6.34 -4.54
N ASP C 107 8.15 -5.92 -4.99
CA ASP C 107 8.57 -6.13 -6.37
C ASP C 107 9.08 -7.54 -6.63
N ASN C 108 9.13 -7.91 -7.91
CA ASN C 108 9.59 -9.24 -8.26
C ASN C 108 11.03 -9.46 -7.86
N VAL C 109 11.83 -8.40 -7.92
CA VAL C 109 13.22 -8.55 -7.57
C VAL C 109 13.41 -9.07 -6.14
N GLU C 110 12.66 -8.52 -5.17
CA GLU C 110 12.82 -9.01 -3.80
C GLU C 110 12.26 -10.42 -3.71
N MSE C 111 11.14 -10.66 -4.39
CA MSE C 111 10.54 -11.98 -4.35
C MSE C 111 11.58 -13.01 -4.82
O MSE C 111 11.69 -14.10 -4.25
CB MSE C 111 9.30 -12.03 -5.24
CG MSE C 111 8.23 -11.03 -4.87
SE MSE C 111 6.49 -11.49 -5.49
CE MSE C 111 6.36 -10.28 -6.97
N ARG C 112 12.34 -12.66 -5.85
CA ARG C 112 13.37 -13.57 -6.32
C ARG C 112 14.36 -13.83 -5.19
N ARG C 113 14.88 -12.77 -4.58
CA ARG C 113 15.82 -12.98 -3.50
C ARG C 113 15.22 -13.94 -2.48
N VAL C 114 14.00 -13.66 -2.04
CA VAL C 114 13.38 -14.54 -1.06
C VAL C 114 13.44 -15.95 -1.58
N PHE C 115 13.08 -16.14 -2.85
CA PHE C 115 13.09 -17.46 -3.47
C PHE C 115 14.48 -18.06 -3.35
N GLU C 116 15.45 -17.41 -3.98
CA GLU C 116 16.84 -17.86 -3.94
C GLU C 116 17.26 -18.14 -2.52
N ALA C 117 17.04 -17.19 -1.63
CA ALA C 117 17.39 -17.37 -0.23
C ALA C 117 16.82 -18.69 0.27
N LEU C 118 15.57 -18.96 -0.10
CA LEU C 118 14.89 -20.18 0.32
C LEU C 118 15.60 -21.40 -0.20
N LEU C 119 16.05 -21.33 -1.46
CA LEU C 119 16.76 -22.44 -2.07
C LEU C 119 17.99 -22.76 -1.23
N ASN C 120 18.90 -21.79 -1.13
CA ASN C 120 20.11 -21.94 -0.34
C ASN C 120 19.84 -22.52 1.03
N LEU C 121 18.86 -21.97 1.75
CA LEU C 121 18.56 -22.48 3.08
C LEU C 121 18.19 -23.96 3.02
N SER C 122 17.39 -24.33 2.04
CA SER C 122 16.99 -25.72 1.91
C SER C 122 18.25 -26.55 1.69
N GLY C 123 19.21 -25.96 0.97
CA GLY C 123 20.47 -26.65 0.71
C GLY C 123 21.14 -26.93 2.04
N GLU C 124 21.56 -25.87 2.72
CA GLU C 124 22.22 -25.99 4.02
C GLU C 124 21.51 -26.95 4.95
N VAL C 125 20.19 -26.87 5.02
CA VAL C 125 19.42 -27.74 5.90
C VAL C 125 19.46 -29.19 5.45
N LYS C 126 19.44 -29.40 4.13
CA LYS C 126 19.45 -30.75 3.57
C LYS C 126 20.77 -31.46 3.90
N LYS C 127 21.89 -30.78 3.66
CA LYS C 127 23.20 -31.35 3.95
C LYS C 127 23.57 -31.15 5.41
N THR C 128 22.67 -31.57 6.30
CA THR C 128 22.90 -31.48 7.74
C THR C 128 22.01 -32.48 8.44
N PHE C 129 20.74 -32.53 8.06
CA PHE C 129 19.80 -33.47 8.66
C PHE C 129 19.48 -34.56 7.64
N GLY C 130 20.08 -34.45 6.46
CA GLY C 130 19.85 -35.43 5.42
C GLY C 130 18.40 -35.51 4.99
N GLY D 1 3.12 6.52 9.14
CA GLY D 1 2.03 7.65 9.24
C GLY D 1 0.60 7.19 9.60
N ALA D 2 -0.04 6.46 8.70
CA ALA D 2 -1.34 5.89 8.96
C ALA D 2 -1.01 4.61 9.72
N MSE D 3 0.14 4.03 9.38
CA MSE D 3 0.64 2.82 10.03
C MSE D 3 0.99 3.16 11.46
O MSE D 3 0.82 2.36 12.36
CB MSE D 3 1.91 2.31 9.32
CG MSE D 3 1.68 1.62 7.98
SE MSE D 3 3.30 1.37 6.97
CE MSE D 3 3.07 2.79 5.69
N LYS D 4 1.49 4.37 11.69
CA LYS D 4 1.83 4.74 13.03
C LYS D 4 0.57 4.77 13.87
N ASN D 5 -0.40 5.59 13.46
CA ASN D 5 -1.63 5.69 14.21
C ASN D 5 -2.25 4.32 14.40
N SER D 6 -2.08 3.44 13.44
CA SER D 6 -2.66 2.12 13.55
C SER D 6 -1.98 1.35 14.65
N PHE D 7 -0.65 1.27 14.58
CA PHE D 7 0.10 0.55 15.59
C PHE D 7 -0.20 1.12 16.97
N ASP D 8 -0.42 2.43 17.05
CA ASP D 8 -0.71 3.02 18.33
C ASP D 8 -2.01 2.48 18.89
N ARG D 9 -3.09 2.51 18.11
CA ARG D 9 -4.37 1.99 18.59
C ARG D 9 -4.20 0.55 19.07
N LEU D 10 -3.40 -0.22 18.37
CA LEU D 10 -3.18 -1.58 18.82
C LEU D 10 -2.73 -1.47 20.27
N ILE D 11 -1.50 -0.98 20.46
CA ILE D 11 -0.92 -0.82 21.79
C ILE D 11 -1.90 -0.20 22.80
N ASP D 12 -2.38 0.99 22.50
CA ASP D 12 -3.32 1.67 23.38
C ASP D 12 -4.37 0.68 23.85
N GLY D 13 -4.94 -0.06 22.90
CA GLY D 13 -5.95 -1.04 23.24
C GLY D 13 -5.47 -2.13 24.17
N LEU D 14 -4.29 -2.71 23.90
CA LEU D 14 -3.81 -3.78 24.76
C LEU D 14 -3.49 -3.27 26.15
N ALA D 15 -3.13 -2.00 26.24
CA ALA D 15 -2.81 -1.40 27.52
C ALA D 15 -4.06 -1.41 28.38
N LYS D 16 -5.17 -0.97 27.80
CA LYS D 16 -6.45 -0.93 28.51
C LYS D 16 -6.96 -2.27 28.98
N ASP D 17 -6.58 -3.35 28.30
CA ASP D 17 -7.06 -4.66 28.68
C ASP D 17 -6.01 -5.56 29.33
N TYR D 18 -4.78 -5.10 29.41
CA TYR D 18 -3.73 -5.90 30.01
C TYR D 18 -2.77 -5.02 30.80
N GLY D 19 -3.21 -3.80 31.05
CA GLY D 19 -2.36 -2.88 31.80
C GLY D 19 -1.11 -2.43 31.08
N MSE D 20 -0.31 -1.61 31.76
CA MSE D 20 0.93 -1.07 31.21
C MSE D 20 1.89 -2.15 30.76
O MSE D 20 2.08 -3.16 31.43
CB MSE D 20 1.60 -0.21 32.27
CG MSE D 20 2.88 0.44 31.82
SE MSE D 20 2.45 1.92 30.70
CE MSE D 20 0.84 2.45 31.51
N PRO D 21 2.53 -1.94 29.60
CA PRO D 21 3.49 -2.92 29.08
C PRO D 21 4.89 -2.65 29.64
N GLY D 22 5.81 -3.57 29.43
CA GLY D 22 7.18 -3.37 29.89
C GLY D 22 8.02 -2.93 28.70
N PHE D 23 9.14 -2.26 28.92
CA PHE D 23 9.95 -1.83 27.79
C PHE D 23 11.38 -2.37 27.79
N PRO D 24 11.57 -3.62 27.31
CA PRO D 24 12.90 -4.24 27.25
C PRO D 24 13.89 -3.38 26.46
N GLU D 25 15.15 -3.75 26.49
CA GLU D 25 16.19 -2.99 25.78
C GLU D 25 16.31 -3.47 24.32
N LYS D 26 16.80 -2.59 23.44
CA LYS D 26 16.99 -2.97 22.05
C LYS D 26 17.86 -4.21 21.96
N LYS D 27 17.24 -5.37 21.82
CA LYS D 27 17.96 -6.63 21.73
C LYS D 27 18.42 -6.90 20.30
N HIS D 28 17.44 -7.14 19.44
CA HIS D 28 17.69 -7.44 18.03
C HIS D 28 18.08 -6.20 17.24
N GLU D 29 18.67 -6.40 16.07
CA GLU D 29 19.06 -5.28 15.22
C GLU D 29 17.84 -4.88 14.39
N HIS D 30 17.78 -3.60 14.02
CA HIS D 30 16.66 -3.07 13.23
C HIS D 30 15.44 -2.84 14.12
N GLU D 31 15.54 -3.26 15.37
CA GLU D 31 14.44 -3.11 16.33
C GLU D 31 14.26 -1.63 16.63
N VAL D 32 13.04 -1.18 16.84
CA VAL D 32 12.84 0.23 17.17
C VAL D 32 11.85 0.36 18.32
N TYR D 33 10.97 -0.61 18.46
CA TYR D 33 9.98 -0.60 19.54
C TYR D 33 9.81 -2.00 20.10
N CYS D 34 9.56 -2.07 21.39
CA CYS D 34 9.31 -3.35 22.01
C CYS D 34 8.46 -3.13 23.22
N PHE D 35 7.30 -3.78 23.24
CA PHE D 35 6.38 -3.66 24.35
C PHE D 35 6.18 -5.05 24.90
N GLU D 36 6.32 -5.20 26.21
CA GLU D 36 6.15 -6.51 26.80
C GLU D 36 4.95 -6.52 27.70
N PHE D 37 4.02 -7.43 27.40
CA PHE D 37 2.84 -7.58 28.21
C PHE D 37 3.08 -8.87 28.96
N LYS D 38 3.74 -8.73 30.11
CA LYS D 38 4.12 -9.85 30.96
C LYS D 38 2.98 -10.75 31.43
N GLU D 39 1.79 -10.18 31.61
CA GLU D 39 0.66 -10.97 32.07
C GLU D 39 0.42 -12.14 31.13
N VAL D 40 0.52 -11.87 29.83
CA VAL D 40 0.31 -12.88 28.81
C VAL D 40 1.57 -13.37 28.10
N SER D 41 2.74 -13.09 28.67
CA SER D 41 4.02 -13.52 28.10
C SER D 41 4.21 -13.24 26.61
N ILE D 42 3.69 -12.13 26.13
CA ILE D 42 3.82 -11.78 24.72
C ILE D 42 4.55 -10.47 24.54
N ARG D 43 5.43 -10.42 23.54
CA ARG D 43 6.19 -9.21 23.26
C ARG D 43 5.86 -8.76 21.83
N ILE D 44 5.73 -7.46 21.61
CA ILE D 44 5.42 -6.89 20.31
C ILE D 44 6.60 -6.04 19.88
N TYR D 45 7.25 -6.39 18.77
CA TYR D 45 8.37 -5.59 18.29
C TYR D 45 7.96 -4.87 17.02
N GLN D 46 8.70 -3.82 16.67
CA GLN D 46 8.44 -3.13 15.41
C GLN D 46 9.77 -2.92 14.68
N ASP D 47 9.86 -3.59 13.53
CA ASP D 47 11.01 -3.56 12.62
C ASP D 47 11.30 -2.13 12.21
N LYS D 48 12.44 -1.92 11.58
CA LYS D 48 12.81 -0.59 11.12
C LYS D 48 12.18 -0.41 9.73
N PHE D 49 11.77 -1.54 9.15
CA PHE D 49 11.17 -1.54 7.83
C PHE D 49 9.66 -1.73 7.91
N LYS D 50 9.09 -1.29 9.02
CA LYS D 50 7.66 -1.34 9.27
C LYS D 50 7.00 -2.72 9.32
N TRP D 51 7.54 -3.61 10.12
CA TRP D 51 6.93 -4.92 10.28
C TRP D 51 6.68 -5.01 11.78
N VAL D 52 5.53 -5.54 12.16
CA VAL D 52 5.22 -5.71 13.56
C VAL D 52 5.45 -7.20 13.85
N TYR D 53 5.95 -7.51 15.04
CA TYR D 53 6.19 -8.91 15.41
C TYR D 53 5.53 -9.27 16.73
N PHE D 54 5.10 -10.51 16.84
CA PHE D 54 4.48 -10.97 18.07
C PHE D 54 5.24 -12.17 18.55
N LEU D 55 5.85 -12.04 19.74
CA LEU D 55 6.61 -13.12 20.31
C LEU D 55 5.97 -13.56 21.61
N SER D 56 5.70 -14.86 21.70
CA SER D 56 5.09 -15.45 22.89
C SER D 56 5.99 -16.52 23.49
N ASP D 57 6.08 -16.53 24.83
CA ASP D 57 6.89 -17.52 25.52
C ASP D 57 6.04 -18.55 26.24
N ILE D 58 6.04 -19.78 25.73
CA ILE D 58 5.25 -20.87 26.29
C ILE D 58 5.84 -21.30 27.63
N GLY D 59 7.12 -21.03 27.82
CA GLY D 59 7.75 -21.42 29.07
C GLY D 59 8.81 -22.47 28.82
N VAL D 60 8.91 -23.44 29.73
CA VAL D 60 9.92 -24.48 29.60
C VAL D 60 9.35 -25.88 29.43
N ILE D 61 10.20 -26.75 28.89
CA ILE D 61 9.85 -28.15 28.62
C ILE D 61 10.73 -29.04 29.51
N ASP D 62 10.09 -29.80 30.39
CA ASP D 62 10.81 -30.67 31.31
C ASP D 62 10.93 -32.09 30.77
N ASN D 63 10.56 -32.24 29.50
CA ASN D 63 10.61 -33.53 28.83
C ASN D 63 10.82 -33.34 27.32
N LEU D 64 12.05 -33.56 26.87
CA LEU D 64 12.35 -33.47 25.45
C LEU D 64 12.25 -34.86 24.82
N ASP D 65 11.08 -35.26 24.34
CA ASP D 65 11.04 -36.58 23.73
C ASP D 65 10.62 -36.46 22.28
N SER D 66 11.34 -37.20 21.46
CA SER D 66 11.14 -37.16 20.04
C SER D 66 9.70 -37.26 19.57
N ASN D 67 8.96 -38.23 20.08
CA ASN D 67 7.58 -38.37 19.64
C ASN D 67 6.88 -37.05 19.86
N ALA D 68 7.16 -36.42 21.00
CA ALA D 68 6.57 -35.13 21.35
C ALA D 68 7.15 -34.07 20.43
N CYS D 69 8.46 -34.10 20.24
CA CYS D 69 9.13 -33.15 19.37
C CYS D 69 8.40 -33.04 18.04
N GLN D 70 8.47 -34.12 17.28
CA GLN D 70 7.84 -34.15 15.97
C GLN D 70 6.46 -33.50 16.04
N SER D 71 5.53 -34.11 16.77
CA SER D 71 4.19 -33.54 16.90
C SER D 71 4.25 -32.03 17.09
N LEU D 72 5.31 -31.55 17.73
CA LEU D 72 5.50 -30.12 17.99
C LEU D 72 5.90 -29.47 16.68
N LEU D 73 7.09 -29.84 16.23
CA LEU D 73 7.65 -29.33 14.98
C LEU D 73 6.76 -29.75 13.81
N ARG D 74 5.65 -30.37 14.14
CA ARG D 74 4.69 -30.84 13.15
C ARG D 74 3.61 -29.77 13.03
N LEU D 75 3.64 -28.81 13.95
CA LEU D 75 2.69 -27.71 13.96
C LEU D 75 3.06 -26.68 12.89
N ASN D 76 4.26 -26.81 12.35
CA ASN D 76 4.76 -25.91 11.33
C ASN D 76 4.42 -26.40 9.91
N GLU D 77 3.54 -27.39 9.81
CA GLU D 77 3.15 -27.89 8.50
C GLU D 77 2.65 -26.72 7.67
N PHE D 78 2.94 -26.74 6.38
CA PHE D 78 2.53 -25.67 5.49
C PHE D 78 1.01 -25.62 5.26
N ASN D 79 0.51 -24.41 4.97
CA ASN D 79 -0.90 -24.17 4.69
C ASN D 79 -1.00 -22.71 4.31
N LEU D 80 -2.08 -22.32 3.63
CA LEU D 80 -2.26 -20.94 3.20
C LEU D 80 -3.03 -20.06 4.18
N ARG D 81 -2.69 -20.12 5.46
CA ARG D 81 -3.38 -19.32 6.46
C ARG D 81 -2.67 -18.01 6.70
N THR D 82 -3.47 -16.94 6.84
CA THR D 82 -2.96 -15.59 7.09
C THR D 82 -2.21 -15.67 8.41
N PRO D 83 -1.38 -14.65 8.73
CA PRO D 83 -0.63 -14.70 9.98
C PRO D 83 -0.39 -16.11 10.50
N PHE D 84 0.67 -16.73 9.98
CA PHE D 84 1.07 -18.08 10.34
C PHE D 84 1.89 -18.05 11.63
N PHE D 85 1.55 -18.90 12.58
CA PHE D 85 2.30 -18.94 13.83
C PHE D 85 3.36 -20.02 13.84
N THR D 86 4.62 -19.58 13.83
CA THR D 86 5.74 -20.50 13.85
C THR D 86 6.04 -20.95 15.26
N VAL D 87 6.17 -22.27 15.44
CA VAL D 87 6.48 -22.82 16.74
C VAL D 87 7.93 -23.25 16.73
N GLY D 88 8.72 -22.73 17.65
CA GLY D 88 10.13 -23.09 17.70
C GLY D 88 10.68 -23.22 19.11
N LEU D 89 12.01 -23.32 19.21
CA LEU D 89 12.66 -23.48 20.50
C LEU D 89 13.68 -22.40 20.82
N ASN D 90 13.51 -21.81 22.00
CA ASN D 90 14.37 -20.75 22.50
C ASN D 90 15.85 -21.10 22.42
N GLU D 91 16.71 -20.17 22.83
CA GLU D 91 18.15 -20.41 22.82
C GLU D 91 18.53 -21.21 24.05
N LYS D 92 17.52 -21.78 24.71
CA LYS D 92 17.72 -22.59 25.91
C LYS D 92 16.59 -23.60 26.01
N LYS D 93 16.29 -24.23 24.89
CA LYS D 93 15.23 -25.23 24.82
C LYS D 93 13.91 -24.81 25.47
N ASP D 94 13.50 -23.57 25.23
CA ASP D 94 12.24 -23.07 25.81
C ASP D 94 11.17 -22.77 24.77
N GLY D 95 9.94 -23.16 25.09
CA GLY D 95 8.83 -22.93 24.18
C GLY D 95 8.76 -21.50 23.68
N VAL D 96 8.51 -21.34 22.40
CA VAL D 96 8.42 -20.01 21.79
C VAL D 96 7.51 -20.07 20.55
N VAL D 97 6.60 -19.10 20.44
CA VAL D 97 5.67 -19.05 19.30
C VAL D 97 5.49 -17.61 18.83
N HIS D 98 5.86 -17.35 17.57
CA HIS D 98 5.77 -15.99 17.04
C HIS D 98 5.21 -15.85 15.63
N THR D 99 5.05 -14.61 15.21
CA THR D 99 4.56 -14.28 13.88
C THR D 99 5.06 -12.89 13.54
N ARG D 100 4.94 -12.52 12.28
CA ARG D 100 5.35 -11.21 11.83
C ARG D 100 4.37 -10.83 10.75
N ILE D 101 4.12 -9.53 10.59
CA ILE D 101 3.20 -9.06 9.57
C ILE D 101 3.54 -7.64 9.21
N PRO D 102 3.57 -7.33 7.91
CA PRO D 102 3.88 -5.95 7.52
C PRO D 102 2.77 -5.03 8.01
N LEU D 103 3.14 -3.80 8.30
CA LEU D 103 2.18 -2.82 8.81
C LEU D 103 1.36 -2.12 7.72
N LEU D 104 1.92 -2.05 6.51
CA LEU D 104 1.25 -1.40 5.39
C LEU D 104 -0.13 -1.97 5.14
N ASN D 105 -1.12 -1.10 5.24
CA ASN D 105 -2.49 -1.46 5.05
C ASN D 105 -3.02 -2.52 5.99
N LEU D 106 -2.58 -2.51 7.24
CA LEU D 106 -3.06 -3.46 8.25
C LEU D 106 -3.61 -2.66 9.46
N ASP D 107 -4.92 -2.75 9.72
CA ASP D 107 -5.52 -2.00 10.83
C ASP D 107 -5.29 -2.64 12.19
N ASN D 108 -5.49 -1.86 13.26
CA ASN D 108 -5.26 -2.38 14.59
C ASN D 108 -6.21 -3.50 14.95
N VAL D 109 -7.40 -3.48 14.37
CA VAL D 109 -8.36 -4.52 14.68
C VAL D 109 -7.85 -5.90 14.27
N GLU D 110 -7.26 -6.02 13.08
CA GLU D 110 -6.75 -7.34 12.68
C GLU D 110 -5.54 -7.67 13.54
N MSE D 111 -4.68 -6.69 13.79
CA MSE D 111 -3.52 -6.96 14.61
C MSE D 111 -3.96 -7.53 15.96
O MSE D 111 -3.32 -8.43 16.49
CB MSE D 111 -2.71 -5.67 14.82
CG MSE D 111 -1.83 -5.32 13.63
SE MSE D 111 -0.61 -3.90 14.01
CE MSE D 111 -1.64 -2.40 13.37
N ARG D 112 -5.06 -7.02 16.50
CA ARG D 112 -5.56 -7.55 17.76
C ARG D 112 -5.92 -9.02 17.58
N ARG D 113 -6.69 -9.33 16.55
CA ARG D 113 -7.05 -10.72 16.32
C ARG D 113 -5.79 -11.56 16.32
N VAL D 114 -4.82 -11.17 15.50
CA VAL D 114 -3.59 -11.93 15.41
C VAL D 114 -3.04 -12.14 16.80
N PHE D 115 -3.01 -11.05 17.58
CA PHE D 115 -2.51 -11.11 18.95
C PHE D 115 -3.29 -12.16 19.72
N GLU D 116 -4.59 -11.91 19.89
CA GLU D 116 -5.46 -12.83 20.59
C GLU D 116 -5.27 -14.26 20.06
N ALA D 117 -5.33 -14.42 18.75
CA ALA D 117 -5.14 -15.74 18.16
C ALA D 117 -3.86 -16.36 18.71
N LEU D 118 -2.79 -15.56 18.72
CA LEU D 118 -1.51 -16.03 19.22
C LEU D 118 -1.59 -16.47 20.68
N LEU D 119 -2.33 -15.72 21.50
CA LEU D 119 -2.49 -16.07 22.91
C LEU D 119 -3.09 -17.47 23.01
N ASN D 120 -4.30 -17.64 22.48
CA ASN D 120 -5.00 -18.91 22.49
C ASN D 120 -4.09 -20.04 22.03
N LEU D 121 -3.39 -19.84 20.91
CA LEU D 121 -2.51 -20.89 20.41
C LEU D 121 -1.46 -21.25 21.45
N SER D 122 -0.90 -20.25 22.12
CA SER D 122 0.11 -20.53 23.12
C SER D 122 -0.55 -21.34 24.24
N GLY D 123 -1.82 -21.04 24.49
CA GLY D 123 -2.56 -21.76 25.51
C GLY D 123 -2.59 -23.23 25.12
N GLU D 124 -3.29 -23.53 24.04
CA GLU D 124 -3.40 -24.90 23.55
C GLU D 124 -2.06 -25.64 23.53
N VAL D 125 -1.02 -24.99 23.02
CA VAL D 125 0.29 -25.62 22.94
C VAL D 125 0.88 -25.84 24.32
N LYS D 126 0.62 -24.91 25.22
CA LYS D 126 1.15 -25.01 26.57
C LYS D 126 0.55 -26.21 27.31
N LYS D 127 -0.78 -26.32 27.28
CA LYS D 127 -1.46 -27.43 27.94
C LYS D 127 -1.46 -28.69 27.10
N THR D 128 -0.29 -29.09 26.60
CA THR D 128 -0.19 -30.29 25.80
C THR D 128 1.22 -30.82 25.87
N PHE D 129 2.20 -29.94 25.69
CA PHE D 129 3.60 -30.35 25.74
C PHE D 129 4.23 -29.88 27.05
N GLY D 130 3.59 -28.90 27.70
CA GLY D 130 4.11 -28.36 28.94
C GLY D 130 4.40 -26.87 28.82
S SO4 E . -2.68 -3.53 -16.35
O1 SO4 E . -3.89 -3.74 -17.17
O2 SO4 E . -1.57 -3.11 -17.24
O3 SO4 E . -2.96 -2.48 -15.36
O4 SO4 E . -2.27 -4.79 -15.69
S SO4 F . -0.75 12.37 11.52
O1 SO4 F . 0.66 12.46 11.11
O2 SO4 F . -1.57 12.13 10.33
O3 SO4 F . -0.91 11.27 12.49
O4 SO4 F . -1.14 13.64 12.16
S SO4 G . 15.11 -3.63 -5.40
O1 SO4 G . 14.71 -3.76 -6.81
O2 SO4 G . 14.66 -2.35 -4.86
O3 SO4 G . 14.53 -4.74 -4.61
O4 SO4 G . 16.59 -3.70 -5.31
S SO4 H . -12.21 -5.20 10.39
O1 SO4 H . -11.68 -4.18 11.32
O2 SO4 H . -12.75 -4.55 9.19
O3 SO4 H . -11.11 -6.12 10.00
O4 SO4 H . -13.27 -5.94 11.08
#